data_3DHC
#
_entry.id   3DHC
#
_cell.length_a   54.775
_cell.length_b   55.460
_cell.length_c   79.191
_cell.angle_alpha   90.00
_cell.angle_beta   90.00
_cell.angle_gamma   90.00
#
_symmetry.space_group_name_H-M   'P 21 21 21'
#
loop_
_entity.id
_entity.type
_entity.pdbx_description
1 polymer 'N-Acyl Homoserine Lactone Hydrolase'
2 non-polymer 'ZINC ION'
3 non-polymer N-hexanoyl-L-homocysteine
4 non-polymer GLYCEROL
5 water water
#
_entity_poly.entity_id   1
_entity_poly.type   'polypeptide(L)'
_entity_poly.pdbx_seq_one_letter_code
;GRISMTVKKLYFIPAGRCMLDHSSVNSALTPGKLLNLPVWCYLLETEEGPILVDTGMPESAVNNEGLFNGTFVEGQILPK
MTEEDRIVNILKRVGYEPDDLLYIISSHLHFDHAGGNGAFTNTPIIVQRTEYEAALHREEYMKECILPHLNYKIIEGDYE
VVPGVQLLYTPGHSPGHQSLFIETEQSGSVLLTIDASYTKENFEDEVPFAGFDPELALSSIKRLKEVVKKEKPIIFFGHD
IEQEKSCRVFPEYI
;
_entity_poly.pdbx_strand_id   A
#
loop_
_chem_comp.id
_chem_comp.type
_chem_comp.name
_chem_comp.formula
CYK non-polymer N-hexanoyl-L-homocysteine 'C10 H19 N O3 S'
GOL non-polymer GLYCEROL 'C3 H8 O3'
ZN non-polymer 'ZINC ION' 'Zn 2'
#
# COMPACT_ATOMS: atom_id res chain seq x y z
N MET A 5 13.03 -17.61 7.04
CA MET A 5 12.31 -18.36 8.80
CA MET A 5 12.29 -18.13 8.24
C MET A 5 11.54 -17.02 9.02
N THR A 6 12.24 -16.03 9.56
CA THR A 6 11.55 -14.74 9.86
C THR A 6 12.28 -13.67 9.11
N VAL A 7 11.56 -12.57 8.84
CA VAL A 7 12.18 -11.41 8.19
C VAL A 7 13.13 -10.75 9.18
N LYS A 8 14.29 -10.29 8.69
CA LYS A 8 15.30 -9.70 9.56
C LYS A 8 14.86 -8.30 10.03
N LYS A 9 14.34 -7.51 9.07
CA LYS A 9 13.95 -6.14 9.39
C LYS A 9 12.74 -5.76 8.55
N LEU A 10 11.80 -5.08 9.18
CA LEU A 10 10.68 -4.53 8.47
C LEU A 10 10.75 -2.99 8.66
N TYR A 11 11.02 -2.24 7.57
CA TYR A 11 11.07 -0.78 7.65
C TYR A 11 9.78 -0.16 7.08
N PHE A 12 9.33 0.85 7.81
CA PHE A 12 8.27 1.74 7.32
C PHE A 12 8.95 2.96 6.70
N ILE A 13 8.69 3.24 5.42
CA ILE A 13 9.40 4.32 4.74
C ILE A 13 8.43 5.31 4.18
N PRO A 14 8.43 6.51 4.76
CA PRO A 14 7.53 7.55 4.20
C PRO A 14 7.87 7.82 2.74
N ALA A 15 6.83 7.96 1.92
CA ALA A 15 7.01 8.11 0.46
C ALA A 15 6.14 9.24 -0.01
N GLY A 16 6.20 10.38 0.71
CA GLY A 16 5.32 11.46 0.34
C GLY A 16 3.99 11.41 1.07
N ARG A 17 3.08 12.30 0.70
CA ARG A 17 1.80 12.39 1.36
C ARG A 17 0.73 12.67 0.32
N CYS A 18 -0.51 12.65 0.75
CA CYS A 18 -1.62 12.93 -0.17
C CYS A 18 -2.75 13.56 0.61
N MET A 19 -3.32 14.64 0.07
CA MET A 19 -4.56 15.21 0.68
C MET A 19 -5.74 14.43 0.17
N LEU A 20 -6.61 14.07 1.10
CA LEU A 20 -7.82 13.36 0.76
CA LEU A 20 -7.82 13.35 0.78
C LEU A 20 -8.96 14.01 1.54
N ASP A 21 -10.12 14.13 0.94
CA ASP A 21 -11.24 14.61 1.75
C ASP A 21 -11.53 13.67 2.89
N HIS A 22 -11.95 14.21 4.05
CA HIS A 22 -12.15 13.30 5.20
C HIS A 22 -13.33 12.34 5.02
N SER A 23 -14.20 12.60 4.06
CA SER A 23 -15.26 11.65 3.73
C SER A 23 -14.69 10.40 3.11
N SER A 24 -13.44 10.40 2.69
CA SER A 24 -12.84 9.14 2.19
C SER A 24 -12.34 8.24 3.27
N VAL A 25 -12.16 8.75 4.48
CA VAL A 25 -11.74 7.94 5.64
C VAL A 25 -12.95 7.57 6.51
N ASN A 26 -14.04 8.31 6.35
CA ASN A 26 -15.25 7.96 7.07
C ASN A 26 -16.38 8.41 6.17
N SER A 27 -17.03 7.45 5.51
CA SER A 27 -17.99 7.80 4.45
C SER A 27 -19.20 8.58 4.97
N ALA A 28 -19.37 8.68 6.30
CA ALA A 28 -20.46 9.46 6.94
C ALA A 28 -20.11 10.94 7.13
N LEU A 29 -18.84 11.28 6.97
CA LEU A 29 -18.45 12.66 7.28
C LEU A 29 -18.87 13.59 6.17
N THR A 30 -19.06 14.84 6.55
CA THR A 30 -19.46 15.88 5.63
C THR A 30 -18.26 16.38 4.87
N PRO A 31 -18.27 16.23 3.55
CA PRO A 31 -17.13 16.65 2.72
C PRO A 31 -16.81 18.11 2.90
N GLY A 32 -15.53 18.43 2.70
CA GLY A 32 -15.10 19.83 2.82
C GLY A 32 -13.95 20.05 3.79
N LYS A 33 -13.37 19.02 4.37
CA LYS A 33 -12.11 19.18 5.13
C LYS A 33 -11.16 18.13 4.56
N LEU A 34 -10.04 18.59 4.05
CA LEU A 34 -9.00 17.70 3.56
C LEU A 34 -8.09 17.28 4.70
N LEU A 35 -7.58 16.07 4.56
CA LEU A 35 -6.59 15.52 5.52
C LEU A 35 -5.31 15.22 4.79
N ASN A 36 -4.17 15.61 5.38
CA ASN A 36 -2.88 15.35 4.78
C ASN A 36 -2.40 13.99 5.27
N LEU A 37 -2.61 12.95 4.47
CA LEU A 37 -2.41 11.58 4.92
C LEU A 37 -1.06 11.06 4.45
N PRO A 38 -0.48 10.11 5.21
CA PRO A 38 0.84 9.56 4.83
C PRO A 38 0.72 8.58 3.71
N VAL A 39 1.70 8.56 2.81
CA VAL A 39 1.84 7.47 1.84
C VAL A 39 3.06 6.65 2.27
N TRP A 40 2.91 5.33 2.31
CA TRP A 40 3.95 4.50 2.84
C TRP A 40 4.45 3.55 1.77
N CYS A 41 5.76 3.22 1.90
CA CYS A 41 6.23 1.97 1.30
C CYS A 41 6.92 1.18 2.42
N TYR A 42 7.11 -0.10 2.19
CA TYR A 42 7.71 -0.93 3.25
C TYR A 42 8.88 -1.70 2.66
N LEU A 43 9.99 -1.80 3.38
CA LEU A 43 11.12 -2.58 2.88
C LEU A 43 11.39 -3.71 3.87
N LEU A 44 11.41 -4.91 3.30
CA LEU A 44 11.61 -6.13 4.11
C LEU A 44 13.01 -6.63 3.80
N GLU A 45 13.87 -6.74 4.83
CA GLU A 45 15.16 -7.37 4.59
C GLU A 45 15.02 -8.84 5.00
N THR A 46 15.24 -9.71 4.00
CA THR A 46 14.95 -11.17 4.22
C THR A 46 16.21 -11.96 3.87
N GLU A 47 16.28 -13.23 4.28
CA GLU A 47 17.47 -14.02 3.95
C GLU A 47 17.66 -14.10 2.44
N GLU A 48 16.55 -14.11 1.67
CA GLU A 48 16.57 -14.28 0.22
C GLU A 48 16.86 -12.95 -0.51
N GLY A 49 16.81 -11.83 0.24
CA GLY A 49 17.08 -10.51 -0.34
C GLY A 49 15.99 -9.53 0.01
N PRO A 50 16.15 -8.28 -0.43
CA PRO A 50 15.22 -7.21 -0.03
C PRO A 50 13.97 -7.19 -0.88
N ILE A 51 12.85 -6.97 -0.22
CA ILE A 51 11.56 -6.95 -0.92
C ILE A 51 10.89 -5.60 -0.61
N LEU A 52 10.42 -4.95 -1.66
CA LEU A 52 9.75 -3.65 -1.48
C LEU A 52 8.25 -3.81 -1.65
N VAL A 53 7.49 -3.33 -0.66
CA VAL A 53 6.02 -3.35 -0.72
C VAL A 53 5.60 -1.92 -1.09
N ASP A 54 5.02 -1.79 -2.28
CA ASP A 54 4.51 -0.55 -2.88
C ASP A 54 5.63 0.43 -3.26
N THR A 55 5.30 1.39 -4.14
CA THR A 55 6.34 2.12 -4.82
C THR A 55 6.02 3.60 -4.91
N GLY A 56 5.11 4.08 -4.05
CA GLY A 56 4.82 5.53 -4.03
C GLY A 56 4.09 6.06 -5.26
N MET A 57 4.24 7.37 -5.47
CA MET A 57 3.43 8.08 -6.43
C MET A 57 4.21 8.31 -7.73
N PRO A 58 3.49 8.56 -8.82
CA PRO A 58 4.14 8.69 -10.15
C PRO A 58 4.89 10.03 -10.26
N GLU A 59 5.82 10.16 -11.20
CA GLU A 59 6.58 11.43 -11.32
C GLU A 59 5.66 12.59 -11.68
N SER A 60 4.52 12.30 -12.30
CA SER A 60 3.57 13.36 -12.70
C SER A 60 3.00 14.06 -11.46
N ALA A 61 3.10 13.45 -10.28
CA ALA A 61 2.64 14.04 -9.03
C ALA A 61 3.68 14.98 -8.40
N VAL A 62 4.91 14.95 -8.89
CA VAL A 62 5.95 15.75 -8.24
C VAL A 62 5.67 17.25 -8.38
N ASN A 63 5.58 17.95 -7.23
CA ASN A 63 5.30 19.41 -7.27
C ASN A 63 4.07 19.71 -8.10
N ASN A 64 3.05 18.86 -8.00
CA ASN A 64 1.87 18.98 -8.86
C ASN A 64 0.64 18.55 -8.09
N GLU A 65 0.28 19.34 -7.11
CA GLU A 65 -0.91 19.07 -6.32
C GLU A 65 -2.19 19.03 -7.12
N GLY A 66 -2.19 19.77 -8.24
CA GLY A 66 -3.32 19.78 -9.15
C GLY A 66 -3.35 18.67 -10.19
N LEU A 67 -2.61 17.57 -9.96
CA LEU A 67 -2.53 16.45 -10.94
C LEU A 67 -3.95 16.03 -11.38
N PHE A 68 -4.91 16.03 -10.46
CA PHE A 68 -6.25 15.48 -10.77
C PHE A 68 -7.28 16.53 -11.14
N ASN A 69 -6.81 17.74 -11.38
CA ASN A 69 -7.71 18.72 -11.99
C ASN A 69 -8.22 18.18 -13.31
N GLY A 70 -9.52 18.38 -13.53
CA GLY A 70 -10.14 18.00 -14.80
C GLY A 70 -10.59 16.53 -14.82
N THR A 71 -10.43 15.84 -13.69
CA THR A 71 -10.86 14.45 -13.57
C THR A 71 -12.01 14.33 -12.57
N PHE A 72 -12.55 13.13 -12.44
CA PHE A 72 -13.64 12.84 -11.49
C PHE A 72 -13.27 13.05 -10.01
N VAL A 73 -11.96 13.19 -9.71
CA VAL A 73 -11.55 13.41 -8.34
C VAL A 73 -10.93 14.82 -8.13
N GLU A 74 -11.16 15.76 -9.06
CA GLU A 74 -10.62 17.11 -8.88
C GLU A 74 -11.02 17.64 -7.50
N GLY A 75 -10.02 18.19 -6.79
CA GLY A 75 -10.23 18.80 -5.48
C GLY A 75 -10.39 17.80 -4.36
N GLN A 76 -10.48 16.49 -4.69
CA GLN A 76 -10.73 15.48 -3.67
C GLN A 76 -9.45 14.73 -3.30
N ILE A 77 -8.48 14.71 -4.23
CA ILE A 77 -7.18 14.02 -4.03
C ILE A 77 -6.09 14.96 -4.56
N LEU A 78 -5.18 15.36 -3.67
CA LEU A 78 -4.09 16.26 -4.10
C LEU A 78 -2.78 15.68 -3.59
N PRO A 79 -1.95 15.13 -4.51
CA PRO A 79 -0.72 14.55 -4.01
C PRO A 79 0.23 15.59 -3.47
N LYS A 80 1.00 15.19 -2.46
CA LYS A 80 1.97 16.07 -1.83
C LYS A 80 3.31 15.34 -1.95
N MET A 81 4.00 15.56 -3.07
CA MET A 81 5.14 14.79 -3.44
C MET A 81 6.23 15.72 -3.94
N THR A 82 7.44 15.58 -3.41
CA THR A 82 8.59 16.30 -3.91
C THR A 82 9.49 15.38 -4.72
N GLU A 83 10.52 15.94 -5.33
CA GLU A 83 11.47 15.08 -6.06
C GLU A 83 12.08 14.03 -5.16
N GLU A 84 12.25 14.33 -3.88
CA GLU A 84 12.84 13.35 -2.96
C GLU A 84 11.99 12.14 -2.73
N ASP A 85 10.68 12.27 -2.99
CA ASP A 85 9.75 11.16 -2.70
C ASP A 85 9.60 10.19 -3.87
N ARG A 86 10.29 10.42 -4.97
CA ARG A 86 10.33 9.44 -6.02
C ARG A 86 10.94 8.16 -5.52
N ILE A 87 10.36 6.99 -5.82
CA ILE A 87 10.87 5.77 -5.21
C ILE A 87 12.32 5.45 -5.55
N VAL A 88 12.84 5.84 -6.74
CA VAL A 88 14.24 5.55 -6.99
C VAL A 88 15.12 6.38 -6.08
N ASN A 89 14.70 7.62 -5.81
CA ASN A 89 15.51 8.48 -4.95
C ASN A 89 15.43 7.97 -3.50
N ILE A 90 14.20 7.62 -3.05
CA ILE A 90 14.07 6.99 -1.74
C ILE A 90 14.98 5.75 -1.60
N LEU A 91 14.90 4.86 -2.59
CA LEU A 91 15.69 3.64 -2.52
C LEU A 91 17.20 3.98 -2.51
N LYS A 92 17.66 4.92 -3.34
CA LYS A 92 19.08 5.24 -3.40
C LYS A 92 19.54 5.79 -2.04
N ARG A 93 18.73 6.64 -1.42
CA ARG A 93 19.10 7.16 -0.07
C ARG A 93 19.17 6.02 0.96
N VAL A 94 18.30 5.03 0.87
CA VAL A 94 18.31 3.93 1.83
C VAL A 94 19.48 2.97 1.56
N GLY A 95 19.94 2.84 0.32
CA GLY A 95 21.07 1.95 -0.04
C GLY A 95 20.81 0.96 -1.17
N TYR A 96 19.76 1.15 -1.97
CA TYR A 96 19.46 0.19 -3.06
C TYR A 96 19.18 0.84 -4.41
N GLU A 97 19.44 0.08 -5.49
CA GLU A 97 18.92 0.43 -6.82
C GLU A 97 17.83 -0.57 -7.19
N PRO A 98 16.94 -0.24 -8.13
CA PRO A 98 15.83 -1.15 -8.45
C PRO A 98 16.26 -2.56 -8.70
N ASP A 99 17.33 -2.79 -9.46
CA ASP A 99 17.70 -4.18 -9.77
C ASP A 99 18.28 -4.95 -8.58
N ASP A 100 18.46 -4.28 -7.43
CA ASP A 100 18.85 -5.02 -6.22
C ASP A 100 17.69 -5.78 -5.57
N LEU A 101 16.45 -5.41 -5.88
CA LEU A 101 15.31 -5.95 -5.16
C LEU A 101 15.00 -7.36 -5.63
N LEU A 102 14.61 -8.19 -4.67
CA LEU A 102 14.23 -9.57 -4.97
C LEU A 102 12.82 -9.57 -5.62
N TYR A 103 11.87 -8.87 -4.99
CA TYR A 103 10.50 -8.73 -5.51
C TYR A 103 10.01 -7.32 -5.22
N ILE A 104 9.02 -6.90 -6.00
CA ILE A 104 8.15 -5.79 -5.60
C ILE A 104 6.80 -6.48 -5.29
N ILE A 105 6.16 -6.06 -4.21
CA ILE A 105 4.79 -6.51 -3.92
C ILE A 105 3.89 -5.26 -4.12
N SER A 106 2.92 -5.37 -5.04
CA SER A 106 1.92 -4.29 -5.18
C SER A 106 0.70 -4.68 -4.35
N SER A 107 0.44 -3.96 -3.26
CA SER A 107 -0.78 -4.24 -2.49
C SER A 107 -1.98 -4.08 -3.46
N HIS A 108 -1.91 -3.04 -4.30
CA HIS A 108 -2.93 -2.79 -5.28
C HIS A 108 -2.35 -1.70 -6.23
N LEU A 109 -3.08 -1.34 -7.27
CA LEU A 109 -2.50 -0.51 -8.32
C LEU A 109 -3.06 0.93 -8.26
N HIS A 110 -3.64 1.34 -7.13
CA HIS A 110 -3.95 2.77 -6.97
C HIS A 110 -2.66 3.60 -7.05
N PHE A 111 -2.86 4.90 -7.35
CA PHE A 111 -1.74 5.74 -7.84
C PHE A 111 -0.65 5.94 -6.84
N ASP A 112 -1.02 5.92 -5.54
CA ASP A 112 0.00 6.16 -4.51
C ASP A 112 0.60 4.89 -3.98
N HIS A 113 0.24 3.75 -4.60
CA HIS A 113 0.87 2.47 -4.25
C HIS A 113 1.65 1.85 -5.38
N ALA A 114 1.35 2.25 -6.64
CA ALA A 114 2.03 1.64 -7.80
C ALA A 114 2.55 2.69 -8.77
N GLY A 115 2.53 3.97 -8.34
CA GLY A 115 2.98 5.04 -9.24
C GLY A 115 4.43 4.93 -9.59
N GLY A 116 5.22 4.25 -8.76
CA GLY A 116 6.67 4.03 -9.06
C GLY A 116 7.00 2.71 -9.73
N ASN A 117 5.97 1.98 -10.15
CA ASN A 117 6.24 0.62 -10.64
C ASN A 117 7.15 0.63 -11.87
N GLY A 118 7.03 1.67 -12.73
CA GLY A 118 7.82 1.66 -13.98
C GLY A 118 9.32 1.70 -13.74
N ALA A 119 9.74 2.08 -12.53
CA ALA A 119 11.17 2.10 -12.25
C ALA A 119 11.75 0.70 -12.18
N PHE A 120 10.90 -0.31 -12.02
CA PHE A 120 11.38 -1.67 -11.81
C PHE A 120 11.08 -2.50 -13.03
N THR A 121 12.06 -2.61 -13.94
CA THR A 121 11.79 -3.27 -15.21
C THR A 121 12.31 -4.68 -15.28
N ASN A 122 13.08 -5.11 -14.26
CA ASN A 122 13.57 -6.51 -14.22
C ASN A 122 13.00 -7.27 -13.01
N THR A 123 12.77 -6.60 -11.92
CA THR A 123 12.32 -7.26 -10.67
C THR A 123 10.88 -7.76 -10.88
N PRO A 124 10.57 -9.02 -10.46
CA PRO A 124 9.18 -9.46 -10.59
C PRO A 124 8.29 -8.63 -9.65
N ILE A 125 7.13 -8.21 -10.22
CA ILE A 125 6.16 -7.37 -9.47
C ILE A 125 4.99 -8.30 -9.19
N ILE A 126 4.80 -8.64 -7.89
CA ILE A 126 3.73 -9.56 -7.51
C ILE A 126 2.44 -8.77 -7.32
N VAL A 127 1.42 -9.14 -8.09
CA VAL A 127 0.16 -8.40 -8.07
C VAL A 127 -0.98 -9.41 -8.30
N GLN A 128 -2.13 -9.17 -7.67
CA GLN A 128 -3.27 -10.06 -7.88
C GLN A 128 -3.83 -9.95 -9.28
N ARG A 129 -4.25 -11.10 -9.82
CA ARG A 129 -4.85 -11.08 -11.13
C ARG A 129 -6.08 -10.16 -11.20
N THR A 130 -6.94 -10.19 -10.16
CA THR A 130 -8.15 -9.35 -10.25
C THR A 130 -7.77 -7.87 -10.14
N GLU A 131 -6.59 -7.54 -9.57
CA GLU A 131 -6.21 -6.10 -9.57
C GLU A 131 -5.64 -5.70 -10.89
N TYR A 132 -4.79 -6.57 -11.45
CA TYR A 132 -4.22 -6.30 -12.79
C TYR A 132 -5.36 -6.12 -13.81
N GLU A 133 -6.32 -7.06 -13.82
CA GLU A 133 -7.43 -6.92 -14.78
C GLU A 133 -8.21 -5.65 -14.56
N ALA A 134 -8.44 -5.25 -13.32
CA ALA A 134 -9.21 -4.02 -13.05
C ALA A 134 -8.43 -2.84 -13.60
N ALA A 135 -7.12 -2.82 -13.41
CA ALA A 135 -6.34 -1.65 -13.81
C ALA A 135 -6.31 -1.48 -15.31
N LEU A 136 -6.55 -2.54 -16.05
CA LEU A 136 -6.60 -2.42 -17.51
C LEU A 136 -7.83 -1.61 -17.98
N HIS A 137 -8.81 -1.33 -17.12
CA HIS A 137 -9.98 -0.53 -17.66
C HIS A 137 -10.69 0.43 -16.71
N ARG A 138 -10.58 0.25 -15.41
CA ARG A 138 -11.34 1.11 -14.51
C ARG A 138 -10.71 2.50 -14.48
N GLU A 139 -11.57 3.51 -14.41
CA GLU A 139 -11.08 4.88 -14.51
C GLU A 139 -10.23 5.39 -13.38
N GLU A 140 -10.26 4.76 -12.20
CA GLU A 140 -9.46 5.29 -11.09
C GLU A 140 -8.00 4.86 -11.21
N TYR A 141 -7.64 4.15 -12.30
CA TYR A 141 -6.26 3.69 -12.52
C TYR A 141 -5.51 4.55 -13.53
N MET A 142 -4.37 5.04 -13.07
CA MET A 142 -3.48 5.84 -13.92
C MET A 142 -2.64 4.91 -14.81
N LYS A 143 -2.35 5.37 -16.04
CA LYS A 143 -1.53 4.55 -16.94
C LYS A 143 -0.15 4.20 -16.33
N GLU A 144 0.38 5.07 -15.49
CA GLU A 144 1.65 4.80 -14.85
C GLU A 144 1.63 3.58 -13.96
N CYS A 145 0.43 3.11 -13.57
CA CYS A 145 0.31 2.02 -12.62
C CYS A 145 0.05 0.71 -13.29
N ILE A 146 0.00 0.70 -14.62
CA ILE A 146 -0.33 -0.56 -15.35
C ILE A 146 0.50 -0.59 -16.67
N LEU A 147 1.77 -0.26 -16.54
CA LEU A 147 2.64 -0.23 -17.75
C LEU A 147 2.74 -1.67 -18.28
N PRO A 148 2.75 -1.81 -19.58
CA PRO A 148 2.49 -3.13 -20.17
C PRO A 148 3.64 -4.12 -20.13
N HIS A 149 4.90 -3.66 -20.04
CA HIS A 149 6.04 -4.58 -20.28
C HIS A 149 6.88 -4.85 -19.06
N LEU A 150 6.33 -4.51 -17.88
CA LEU A 150 7.07 -4.84 -16.66
C LEU A 150 7.03 -6.36 -16.44
N ASN A 151 7.89 -6.83 -15.55
CA ASN A 151 7.98 -8.30 -15.29
C ASN A 151 6.93 -8.69 -14.22
N TYR A 152 5.67 -8.69 -14.63
CA TYR A 152 4.59 -9.03 -13.65
C TYR A 152 4.64 -10.50 -13.25
N LYS A 153 4.46 -10.74 -11.95
CA LYS A 153 4.29 -12.12 -11.43
C LYS A 153 2.86 -12.13 -10.88
N ILE A 154 1.93 -12.50 -11.74
CA ILE A 154 0.53 -12.45 -11.37
C ILE A 154 0.21 -13.63 -10.46
N ILE A 155 -0.51 -13.34 -9.37
CA ILE A 155 -0.92 -14.35 -8.43
C ILE A 155 -2.42 -14.29 -8.21
N GLU A 156 -2.97 -15.38 -7.68
CA GLU A 156 -4.43 -15.47 -7.40
C GLU A 156 -4.64 -15.92 -5.98
N GLY A 157 -5.08 -15.01 -5.12
CA GLY A 157 -5.42 -15.39 -3.73
C GLY A 157 -4.26 -15.31 -2.78
N ASP A 158 -4.30 -16.07 -1.68
CA ASP A 158 -3.27 -15.97 -0.70
C ASP A 158 -1.96 -16.53 -1.28
N TYR A 159 -0.82 -16.08 -0.74
CA TYR A 159 0.41 -16.45 -1.38
C TYR A 159 1.58 -16.27 -0.44
N GLU A 160 2.51 -17.21 -0.39
CA GLU A 160 3.73 -17.03 0.37
C GLU A 160 4.84 -16.52 -0.53
N VAL A 161 5.37 -15.32 -0.26
CA VAL A 161 6.40 -14.78 -1.14
C VAL A 161 7.76 -15.44 -0.84
N VAL A 162 8.17 -15.38 0.44
CA VAL A 162 9.31 -16.10 0.99
C VAL A 162 8.89 -16.41 2.41
N PRO A 163 9.64 -17.29 3.11
CA PRO A 163 9.23 -17.57 4.47
C PRO A 163 9.16 -16.29 5.31
N GLY A 164 8.09 -16.13 6.10
CA GLY A 164 7.91 -14.94 6.90
C GLY A 164 7.10 -13.84 6.17
N VAL A 165 6.82 -13.99 4.85
CA VAL A 165 6.12 -12.93 4.14
C VAL A 165 4.93 -13.53 3.40
N GLN A 166 3.75 -13.33 3.96
CA GLN A 166 2.52 -13.88 3.41
C GLN A 166 1.63 -12.78 2.87
N LEU A 167 1.01 -13.01 1.76
CA LEU A 167 0.01 -12.12 1.21
C LEU A 167 -1.38 -12.69 1.51
N LEU A 168 -2.27 -11.83 2.00
CA LEU A 168 -3.64 -12.18 2.30
C LEU A 168 -4.51 -11.42 1.33
N TYR A 169 -5.30 -12.17 0.57
CA TYR A 169 -6.16 -11.54 -0.40
C TYR A 169 -7.31 -10.83 0.33
N THR A 170 -7.44 -9.53 0.11
CA THR A 170 -8.34 -8.68 0.86
C THR A 170 -9.06 -7.70 -0.08
N PRO A 171 -9.79 -8.24 -1.05
CA PRO A 171 -10.45 -7.36 -2.04
C PRO A 171 -11.58 -6.54 -1.43
N GLY A 172 -11.95 -5.49 -2.15
CA GLY A 172 -13.12 -4.70 -1.75
C GLY A 172 -12.72 -3.22 -1.88
N HIS A 173 -11.69 -2.77 -1.14
CA HIS A 173 -11.24 -1.39 -1.40
C HIS A 173 -10.87 -1.22 -2.89
N SER A 174 -10.21 -2.24 -3.45
CA SER A 174 -9.99 -2.36 -4.90
C SER A 174 -10.25 -3.83 -5.27
N PRO A 175 -10.41 -4.15 -6.56
CA PRO A 175 -10.88 -5.50 -6.91
C PRO A 175 -9.89 -6.57 -6.51
N GLY A 176 -8.57 -6.28 -6.47
CA GLY A 176 -7.58 -7.28 -6.10
C GLY A 176 -6.64 -6.83 -5.04
N HIS A 177 -7.16 -6.07 -4.08
CA HIS A 177 -6.35 -5.58 -2.96
C HIS A 177 -5.81 -6.78 -2.17
N GLN A 178 -4.56 -6.66 -1.72
CA GLN A 178 -3.96 -7.67 -0.84
C GLN A 178 -3.21 -6.99 0.31
N SER A 179 -3.31 -7.61 1.50
CA SER A 179 -2.66 -7.17 2.68
C SER A 179 -1.48 -8.11 3.00
N LEU A 180 -0.64 -7.76 3.95
CA LEU A 180 0.55 -8.55 4.27
C LEU A 180 0.55 -9.03 5.68
N PHE A 181 0.95 -10.30 5.87
CA PHE A 181 1.13 -10.81 7.22
C PHE A 181 2.59 -11.25 7.28
N ILE A 182 3.36 -10.57 8.11
CA ILE A 182 4.83 -10.73 8.13
C ILE A 182 5.26 -11.24 9.51
N GLU A 183 6.22 -12.13 9.55
CA GLU A 183 6.82 -12.54 10.81
C GLU A 183 8.21 -11.98 10.85
N THR A 184 8.44 -11.11 11.82
CA THR A 184 9.75 -10.49 11.96
C THR A 184 10.54 -11.02 13.16
N GLU A 185 11.86 -10.97 13.00
CA GLU A 185 12.70 -11.42 14.11
C GLU A 185 12.47 -10.60 15.39
N GLN A 186 12.29 -9.29 15.25
CA GLN A 186 12.18 -8.42 16.46
C GLN A 186 10.82 -8.37 17.08
N SER A 187 9.78 -8.62 16.28
CA SER A 187 8.45 -8.32 16.71
C SER A 187 7.49 -9.48 16.62
N GLY A 188 7.83 -10.57 15.89
CA GLY A 188 6.85 -11.62 15.67
C GLY A 188 5.84 -11.19 14.62
N SER A 189 4.55 -11.47 14.86
CA SER A 189 3.55 -11.37 13.77
C SER A 189 3.15 -9.92 13.55
N VAL A 190 3.16 -9.47 12.29
CA VAL A 190 2.78 -8.10 11.98
C VAL A 190 1.76 -8.15 10.84
N LEU A 191 0.63 -7.46 10.99
CA LEU A 191 -0.36 -7.35 9.91
C LEU A 191 -0.32 -5.92 9.35
N LEU A 192 0.04 -5.83 8.07
CA LEU A 192 -0.04 -4.54 7.36
C LEU A 192 -1.36 -4.59 6.55
N THR A 193 -2.41 -3.93 7.02
CA THR A 193 -3.65 -4.03 6.33
C THR A 193 -3.55 -3.39 4.93
N ILE A 194 -2.64 -2.42 4.79
CA ILE A 194 -2.66 -1.53 3.63
C ILE A 194 -4.07 -0.94 3.54
N ASP A 195 -4.66 -0.86 2.36
CA ASP A 195 -5.92 -0.13 2.23
C ASP A 195 -7.14 -1.01 2.48
N ALA A 196 -6.95 -2.21 3.05
CA ALA A 196 -8.11 -2.93 3.55
C ALA A 196 -8.69 -2.18 4.78
N SER A 197 -7.96 -1.20 5.34
CA SER A 197 -8.53 -0.24 6.29
C SER A 197 -7.59 0.95 6.29
N TYR A 198 -8.07 2.16 5.93
CA TYR A 198 -7.23 3.34 5.99
C TYR A 198 -6.81 3.65 7.41
N THR A 199 -7.75 3.49 8.34
CA THR A 199 -7.53 3.89 9.75
C THR A 199 -7.95 2.81 10.73
N LYS A 200 -7.47 2.94 11.98
CA LYS A 200 -7.86 1.99 13.04
C LYS A 200 -9.38 1.89 13.11
N GLU A 201 -10.09 3.00 13.00
CA GLU A 201 -11.53 2.91 13.19
C GLU A 201 -12.19 2.22 12.01
N ASN A 202 -11.61 2.29 10.79
CA ASN A 202 -12.17 1.51 9.68
C ASN A 202 -12.11 0.01 9.99
N PHE A 203 -11.06 -0.39 10.69
CA PHE A 203 -10.86 -1.81 10.99
C PHE A 203 -11.66 -2.22 12.22
N GLU A 204 -11.31 -1.60 13.35
CA GLU A 204 -11.92 -1.99 14.63
C GLU A 204 -13.44 -1.77 14.66
N ASP A 205 -13.83 -0.57 14.25
CA ASP A 205 -15.22 -0.16 14.27
C ASP A 205 -15.98 -0.30 12.98
N GLU A 206 -15.31 -0.79 11.93
CA GLU A 206 -15.98 -1.01 10.68
C GLU A 206 -16.64 0.30 10.14
N VAL A 207 -15.96 1.43 10.40
CA VAL A 207 -16.38 2.69 9.81
C VAL A 207 -16.09 2.63 8.31
N PRO A 208 -17.10 2.85 7.46
CA PRO A 208 -16.94 2.72 6.00
C PRO A 208 -15.96 3.79 5.50
N PHE A 209 -15.21 3.43 4.46
CA PHE A 209 -14.26 4.32 3.84
C PHE A 209 -14.24 4.07 2.32
N ALA A 210 -13.46 4.88 1.61
CA ALA A 210 -13.50 4.80 0.16
C ALA A 210 -13.16 3.39 -0.31
N GLY A 211 -13.89 2.92 -1.30
CA GLY A 211 -13.60 1.62 -1.87
C GLY A 211 -14.49 1.28 -3.04
N PHE A 212 -13.98 0.39 -3.90
CA PHE A 212 -14.71 -0.07 -5.05
C PHE A 212 -16.01 -0.84 -4.70
N ASP A 213 -15.93 -1.67 -3.64
CA ASP A 213 -17.06 -2.51 -3.23
C ASP A 213 -17.04 -2.58 -1.72
N PRO A 214 -17.70 -1.63 -1.04
CA PRO A 214 -17.71 -1.59 0.42
C PRO A 214 -18.16 -2.87 1.12
N GLU A 215 -19.10 -3.60 0.53
CA GLU A 215 -19.55 -4.81 1.16
C GLU A 215 -18.44 -5.87 1.17
N LEU A 216 -17.76 -6.00 0.04
CA LEU A 216 -16.62 -6.88 -0.05
C LEU A 216 -15.47 -6.42 0.85
N ALA A 217 -15.28 -5.10 0.98
CA ALA A 217 -14.27 -4.60 1.90
C ALA A 217 -14.59 -4.96 3.32
N LEU A 218 -15.86 -4.94 3.70
CA LEU A 218 -16.20 -5.35 5.04
C LEU A 218 -15.96 -6.87 5.25
N SER A 219 -16.28 -7.68 4.25
CA SER A 219 -15.98 -9.09 4.44
C SER A 219 -14.48 -9.37 4.53
N SER A 220 -13.67 -8.55 3.82
CA SER A 220 -12.23 -8.72 3.97
C SER A 220 -11.74 -8.27 5.33
N ILE A 221 -12.35 -7.24 5.94
CA ILE A 221 -12.04 -6.86 7.30
C ILE A 221 -12.44 -7.99 8.23
N LYS A 222 -13.60 -8.60 8.03
N LYS A 222 -13.61 -8.60 8.00
CA LYS A 222 -13.96 -9.72 8.92
CA LYS A 222 -14.04 -9.75 8.82
C LYS A 222 -12.96 -10.86 8.80
C LYS A 222 -13.07 -10.92 8.75
N ARG A 223 -12.52 -11.15 7.57
CA ARG A 223 -11.51 -12.20 7.42
C ARG A 223 -10.21 -11.86 8.17
N LEU A 224 -9.75 -10.61 8.03
CA LEU A 224 -8.58 -10.20 8.75
C LEU A 224 -8.80 -10.28 10.26
N LYS A 225 -10.02 -10.00 10.73
CA LYS A 225 -10.26 -10.15 12.22
C LYS A 225 -10.18 -11.61 12.66
N GLU A 226 -10.54 -12.59 11.77
CA GLU A 226 -10.30 -14.00 12.13
C GLU A 226 -8.80 -14.26 12.24
N VAL A 227 -7.99 -13.73 11.30
CA VAL A 227 -6.56 -13.90 11.38
C VAL A 227 -6.02 -13.28 12.65
N VAL A 228 -6.52 -12.09 12.99
CA VAL A 228 -6.07 -11.40 14.22
C VAL A 228 -6.38 -12.21 15.49
N LYS A 229 -7.54 -12.83 15.52
CA LYS A 229 -7.96 -13.60 16.68
C LYS A 229 -7.00 -14.73 16.90
N LYS A 230 -6.60 -15.37 15.79
CA LYS A 230 -5.68 -16.53 15.83
C LYS A 230 -4.22 -16.16 16.10
N GLU A 231 -3.74 -15.05 15.51
CA GLU A 231 -2.32 -14.74 15.51
C GLU A 231 -1.91 -13.61 16.46
N LYS A 232 -2.88 -12.80 16.86
CA LYS A 232 -2.59 -11.64 17.76
C LYS A 232 -1.37 -10.83 17.28
N PRO A 233 -1.43 -10.35 16.01
CA PRO A 233 -0.32 -9.54 15.51
C PRO A 233 -0.38 -8.08 15.96
N ILE A 234 0.70 -7.34 15.80
CA ILE A 234 0.57 -5.90 15.86
C ILE A 234 0.08 -5.44 14.49
N ILE A 235 -0.76 -4.44 14.46
CA ILE A 235 -1.48 -4.12 13.24
C ILE A 235 -1.27 -2.71 12.82
N PHE A 236 -0.99 -2.50 11.52
CA PHE A 236 -0.74 -1.17 11.01
C PHE A 236 -1.63 -0.89 9.82
N PHE A 237 -2.22 0.30 9.82
CA PHE A 237 -3.28 0.65 8.90
C PHE A 237 -2.70 1.46 7.72
N GLY A 238 -3.49 1.61 6.68
CA GLY A 238 -2.88 2.15 5.45
C GLY A 238 -2.62 3.67 5.40
N HIS A 239 -3.49 4.47 5.98
CA HIS A 239 -3.37 5.97 5.85
C HIS A 239 -3.95 6.57 7.12
N ASP A 240 -3.26 6.33 8.24
CA ASP A 240 -3.84 6.63 9.58
C ASP A 240 -2.92 7.67 10.21
N ILE A 241 -3.44 8.91 10.25
CA ILE A 241 -2.68 10.04 10.73
C ILE A 241 -2.41 9.88 12.26
N GLU A 242 -3.35 9.27 12.98
CA GLU A 242 -3.16 9.09 14.42
C GLU A 242 -2.07 8.03 14.63
N GLN A 243 -2.17 6.90 13.94
CA GLN A 243 -1.17 5.89 14.19
C GLN A 243 0.22 6.30 13.71
N GLU A 244 0.26 7.13 12.66
CA GLU A 244 1.55 7.52 12.16
C GLU A 244 2.35 8.24 13.23
N LYS A 245 1.61 8.87 14.18
CA LYS A 245 2.30 9.58 15.30
C LYS A 245 3.28 8.66 16.06
N SER A 246 2.94 7.38 16.13
CA SER A 246 3.69 6.48 16.99
C SER A 246 4.45 5.39 16.24
N CYS A 247 4.32 5.33 14.91
CA CYS A 247 5.05 4.34 14.08
C CYS A 247 6.56 4.53 14.21
N ARG A 248 7.30 3.45 14.45
CA ARG A 248 8.77 3.50 14.19
C ARG A 248 9.02 3.53 12.68
N VAL A 249 9.84 4.47 12.22
CA VAL A 249 10.04 4.67 10.79
C VAL A 249 11.49 4.67 10.53
N PHE A 250 11.80 4.35 9.29
CA PHE A 250 13.19 4.33 8.85
C PHE A 250 13.99 5.51 9.49
N PRO A 251 15.17 5.25 10.08
CA PRO A 251 15.99 4.01 10.05
C PRO A 251 15.64 2.99 11.14
N GLU A 252 14.68 3.28 11.97
CA GLU A 252 14.18 2.26 12.91
C GLU A 252 13.43 1.19 12.12
N TYR A 253 13.33 0.01 12.71
CA TYR A 253 12.61 -1.08 12.05
C TYR A 253 11.91 -1.89 13.12
N ILE A 254 10.99 -2.74 12.70
CA ILE A 254 10.33 -3.67 13.59
C ILE A 254 10.57 -5.12 13.15
ZN ZN B . -6.21 2.34 -2.51
ZN ZN C . -3.77 3.89 -0.30
C2 CYK D . -5.89 7.37 -1.31
C5 CYK D . -7.18 6.42 -4.66
C4 CYK D . -5.64 5.07 -2.27
O3 CYK D . -6.19 6.00 -5.31
N1 CYK D . -7.11 6.75 -3.38
C3 CYK D . -5.91 6.53 -2.57
O2 CYK D . -4.62 4.68 -1.88
O1 CYK D . -6.47 4.26 -2.41
C1 CYK D . -4.55 8.14 -1.18
S CYK D . -4.45 8.98 0.41
C6 CYK D . -8.56 6.55 -5.27
C7 CYK D . -9.29 5.16 -5.24
C8 CYK D . -9.98 4.91 -3.88
C9 CYK D . -10.98 3.75 -3.68
C10 CYK D . -11.69 3.38 -4.95
C1 GOL E . 5.12 19.51 -1.02
O1 GOL E . 4.57 18.40 -0.36
C2 GOL E . 4.20 19.88 -2.18
O2 GOL E . 2.92 19.37 -1.99
C3 GOL E . 4.72 19.22 -3.44
O3 GOL E . 3.88 19.52 -4.52
C1 GOL F . 14.87 8.56 5.12
O1 GOL F . 15.80 8.97 6.07
C2 GOL F . 15.59 8.14 3.84
O2 GOL F . 16.24 9.26 3.28
C3 GOL F . 14.62 7.51 2.86
O3 GOL F . 13.69 8.47 2.39
C1 GOL G . -4.55 23.47 -5.53
O1 GOL G . -3.15 23.60 -5.46
C2 GOL G . -4.93 22.62 -6.74
O2 GOL G . -4.27 23.11 -7.88
C3 GOL G . -6.44 22.71 -6.96
O3 GOL G . -7.07 21.51 -6.58
C1 GOL H . 8.58 8.26 -10.11
O1 GOL H . 8.25 7.86 -8.80
C2 GOL H . 8.03 7.24 -11.10
O2 GOL H . 7.87 7.87 -12.34
C3 GOL H . 9.00 6.09 -11.24
O3 GOL H . 8.58 5.25 -12.29
C1 GOL I . -13.51 -6.12 -13.47
O1 GOL I . -12.28 -6.43 -14.10
C2 GOL I . -13.33 -4.92 -12.55
O2 GOL I . -12.93 -5.38 -11.27
C3 GOL I . -14.62 -4.13 -12.41
O3 GOL I . -15.61 -4.87 -11.75
C1 GOL J . -9.33 -14.86 -8.35
O1 GOL J . -8.02 -14.40 -8.61
C2 GOL J . -9.69 -14.62 -6.89
O2 GOL J . -11.00 -15.10 -6.67
C3 GOL J . -8.73 -15.29 -5.92
O3 GOL J . -8.24 -16.50 -6.44
#